data_6CTR
#
_entry.id   6CTR
#
_cell.length_a   50.810
_cell.length_b   79.712
_cell.length_c   55.437
_cell.angle_alpha   90.00
_cell.angle_beta   107.72
_cell.angle_gamma   90.00
#
_symmetry.space_group_name_H-M   'P 1 21 1'
#
loop_
_entity.id
_entity.type
_entity.pdbx_description
1 polymer "DNA (5'-D(*CP*CP*GP*AP*CP*GP*TP*CP*GP*CP*AP*TP*CP*AP*GP*C)-3')"
2 polymer "DNA (5'-D(*GP*CP*TP*GP*AP*TP*GP*CP*GP*(2DA))-3')"
3 polymer "DNA (5'-D(P*GP*TP*CP*GP*G)-3')"
4 polymer 'DNA polymerase beta'
5 non-polymer 'MAGNESIUM ION'
6 non-polymer 'SODIUM ION'
7 non-polymer 'CHLORIDE ION'
8 non-polymer "2'-deoxy-5'-O-[(R)-{[(R)-[(R)-fluoro(phosphono)methyl](hydroxy)phosphoryl]oxy}(hydroxy)phosphoryl]cytidine"
9 non-polymer "2'-deoxy-5'-O-[(R)-{[(R)-[(S)-fluoro(phosphono)methyl](hydroxy)phosphoryl]oxy}(hydroxy)phosphoryl]cytidine"
10 non-polymer "2'-DEOXYCYTIDINE-5'-MONOPHOSPHATE"
11 water water
#
loop_
_entity_poly.entity_id
_entity_poly.type
_entity_poly.pdbx_seq_one_letter_code
_entity_poly.pdbx_strand_id
1 'polydeoxyribonucleotide' (DC)(DC)(DG)(DA)(DC)(DG)(DT)(DC)(DG)(DC)(DA)(DT)(DC)(DA)(DG)(DC) T
2 'polydeoxyribonucleotide' (DG)(DC)(DT)(DG)(DA)(DT)(DG)(DC)(DG)(2DA) P
3 'polydeoxyribonucleotide' (DG)(DT)(DC)(DG)(DG) D
4 'polypeptide(L)'
;MSKRKAPQETLNGGITDMLTELANFEKNVSQAIHKYNAYRKAASVIAKYPHKIKSGAEAKKLPGVGTKILEKIDEFLATG
KLRKLEKIRQDDTSSSINFLTRVSGIGPSAARKFVDEGIKTLEDLRKNEDKLNHHQRIGLKYFGDFEKRIPREEMLQMQD
IVLNEVKKVDSEYIATVCGSFRRGAESSGDMDVLLTHPSFTSESTKQPKLLHQVVEQLQKVHFITDTLSKGETKFMGVCQ
LPSKNDEKEYPHRRIDIRLIPKDQYYCGVLYFTGSDIFNKNMRAHALEKGFTINEYTIRPLGVTGVAGEPLPVDSEKDIF
DYIQWKYREPKDRSE
;
A
#
# COMPACT_ATOMS: atom_id res chain seq x y z
N THR D 10 -3.07 20.01 7.34
CA THR D 10 -3.49 19.28 8.52
C THR D 10 -3.05 20.04 9.76
N LEU D 11 -3.71 19.77 10.90
CA LEU D 11 -3.42 20.52 12.11
C LEU D 11 -2.06 20.20 12.69
N ASN D 12 -1.58 18.97 12.50
CA ASN D 12 -0.37 18.51 13.19
C ASN D 12 0.62 17.94 12.20
N GLY D 13 0.71 18.57 11.02
CA GLY D 13 1.55 18.04 9.95
C GLY D 13 3.02 17.98 10.30
N GLY D 14 3.53 18.94 11.08
CA GLY D 14 4.93 18.88 11.47
C GLY D 14 5.24 17.64 12.28
N ILE D 15 4.40 17.33 13.25
CA ILE D 15 4.58 16.13 14.07
C ILE D 15 4.43 14.88 13.22
N THR D 16 3.39 14.82 12.38
CA THR D 16 3.18 13.57 11.65
C THR D 16 4.30 13.30 10.65
N ASP D 17 4.80 14.36 9.99
CA ASP D 17 5.95 14.20 9.10
C ASP D 17 7.17 13.69 9.84
N MET D 18 7.41 14.22 11.05
CA MET D 18 8.55 13.79 11.85
C MET D 18 8.45 12.30 12.19
N LEU D 19 7.26 11.86 12.59
CA LEU D 19 7.08 10.45 12.93
C LEU D 19 7.16 9.55 11.70
N THR D 20 6.72 10.05 10.55
CA THR D 20 6.82 9.29 9.31
C THR D 20 8.29 9.10 8.92
N GLU D 21 9.07 10.18 9.00
CA GLU D 21 10.51 10.09 8.71
C GLU D 21 11.20 9.09 9.63
N LEU D 22 10.83 9.10 10.92
CA LEU D 22 11.39 8.12 11.85
C LEU D 22 10.97 6.70 11.48
N ALA D 23 9.69 6.52 11.13
CA ALA D 23 9.23 5.21 10.68
C ALA D 23 10.07 4.73 9.50
N ASN D 24 10.35 5.63 8.55
CA ASN D 24 11.09 5.23 7.37
C ASN D 24 12.53 4.88 7.72
N PHE D 25 13.11 5.61 8.67
CA PHE D 25 14.45 5.28 9.16
C PHE D 25 14.48 3.89 9.79
N GLU D 26 13.51 3.60 10.66
CA GLU D 26 13.49 2.31 11.33
C GLU D 26 13.25 1.17 10.34
N LYS D 27 12.46 1.39 9.29
CA LYS D 27 12.23 0.35 8.30
C LYS D 27 13.46 0.17 7.40
N ASN D 28 13.97 1.27 6.82
CA ASN D 28 14.97 1.19 5.78
C ASN D 28 16.38 0.97 6.34
N VAL D 29 16.71 1.62 7.47
CA VAL D 29 18.08 1.62 8.00
C VAL D 29 18.18 0.61 9.12
N SER D 30 17.33 0.74 10.15
CA SER D 30 17.39 -0.15 11.31
C SER D 30 16.89 -1.54 11.01
N GLN D 31 16.07 -1.71 9.97
CA GLN D 31 15.40 -2.96 9.67
C GLN D 31 14.64 -3.45 10.90
N ALA D 32 13.89 -2.54 11.52
CA ALA D 32 13.06 -2.81 12.69
C ALA D 32 11.59 -2.61 12.29
N ILE D 33 10.97 -3.67 11.77
CA ILE D 33 9.61 -3.55 11.22
C ILE D 33 8.60 -3.18 12.30
N HIS D 34 8.82 -3.58 13.55
CA HIS D 34 7.81 -3.25 14.55
C HIS D 34 7.93 -1.79 15.00
N LYS D 35 9.12 -1.21 14.98
CA LYS D 35 9.25 0.21 15.24
C LYS D 35 8.66 1.03 14.08
N TYR D 36 8.87 0.57 12.86
CA TYR D 36 8.24 1.21 11.70
C TYR D 36 6.73 1.24 11.87
N ASN D 37 6.12 0.10 12.20
CA ASN D 37 4.67 0.07 12.37
C ASN D 37 4.22 0.94 13.54
N ALA D 38 5.00 0.96 14.62
CA ALA D 38 4.63 1.77 15.77
C ALA D 38 4.63 3.25 15.43
N TYR D 39 5.70 3.74 14.78
CA TYR D 39 5.75 5.14 14.38
C TYR D 39 4.62 5.50 13.43
N ARG D 40 4.31 4.60 12.47
CA ARG D 40 3.23 4.90 11.53
C ARG D 40 1.88 4.90 12.22
N LYS D 41 1.68 3.99 13.17
CA LYS D 41 0.43 3.99 13.93
C LYS D 41 0.26 5.29 14.71
N ALA D 42 1.35 5.78 15.30
CA ALA D 42 1.25 7.03 16.06
C ALA D 42 1.03 8.21 15.14
N ALA D 43 1.70 8.21 13.98
CA ALA D 43 1.49 9.29 13.02
C ALA D 43 0.04 9.33 12.57
N SER D 44 -0.54 8.16 12.33
CA SER D 44 -1.92 8.08 11.86
C SER D 44 -2.91 8.57 12.92
N VAL D 45 -2.71 8.17 14.18
CA VAL D 45 -3.67 8.57 15.20
C VAL D 45 -3.57 10.06 15.46
N ILE D 46 -2.37 10.63 15.35
CA ILE D 46 -2.20 12.07 15.51
C ILE D 46 -2.79 12.80 14.31
N ALA D 47 -2.66 12.23 13.11
CA ALA D 47 -3.17 12.90 11.92
C ALA D 47 -4.68 13.08 11.98
N LYS D 48 -5.40 12.16 12.60
CA LYS D 48 -6.85 12.29 12.61
C LYS D 48 -7.37 12.99 13.86
N TYR D 49 -6.48 13.29 14.81
CA TYR D 49 -6.84 14.04 16.03
C TYR D 49 -7.27 15.46 15.65
N PRO D 50 -8.47 15.91 16.02
CA PRO D 50 -9.00 17.17 15.46
C PRO D 50 -8.60 18.43 16.22
N HIS D 51 -7.50 18.38 16.98
CA HIS D 51 -6.95 19.55 17.65
C HIS D 51 -5.48 19.72 17.29
N LYS D 52 -5.02 20.97 17.37
CA LYS D 52 -3.60 21.28 17.22
C LYS D 52 -2.90 20.94 18.53
N ILE D 53 -2.01 19.94 18.49
CA ILE D 53 -1.43 19.39 19.71
C ILE D 53 -0.51 20.41 20.36
N LYS D 54 -0.72 20.66 21.65
CA LYS D 54 0.05 21.66 22.40
C LYS D 54 1.16 21.05 23.25
N SER D 55 1.17 19.74 23.49
CA SER D 55 2.20 19.14 24.33
C SER D 55 2.29 17.64 24.05
N GLY D 56 3.44 17.07 24.41
CA GLY D 56 3.59 15.64 24.34
C GLY D 56 2.60 14.91 25.23
N ALA D 57 2.32 15.48 26.40
CA ALA D 57 1.39 14.82 27.32
C ALA D 57 0.01 14.70 26.70
N GLU D 58 -0.41 15.74 25.97
CA GLU D 58 -1.70 15.70 25.27
C GLU D 58 -1.73 14.58 24.23
N ALA D 59 -0.62 14.41 23.50
CA ALA D 59 -0.56 13.36 22.48
C ALA D 59 -0.51 11.98 23.11
N LYS D 60 0.17 11.85 24.24
CA LYS D 60 0.31 10.53 24.89
C LYS D 60 -1.04 9.93 25.29
N LYS D 61 -2.10 10.74 25.34
CA LYS D 61 -3.42 10.19 25.60
C LYS D 61 -3.95 9.37 24.43
N LEU D 62 -3.34 9.51 23.24
CA LEU D 62 -3.86 8.80 22.08
C LEU D 62 -3.26 7.40 22.01
N PRO D 63 -4.04 6.41 21.53
CA PRO D 63 -3.53 5.03 21.46
C PRO D 63 -2.45 4.89 20.40
N GLY D 64 -1.28 4.41 20.80
CA GLY D 64 -0.14 4.28 19.93
C GLY D 64 0.94 5.30 20.18
N VAL D 65 0.62 6.37 20.91
CA VAL D 65 1.61 7.35 21.34
C VAL D 65 2.01 7.03 22.77
N GLY D 66 3.30 6.73 22.99
CA GLY D 66 3.82 6.42 24.29
C GLY D 66 4.76 7.47 24.82
N THR D 67 5.62 7.07 25.76
CA THR D 67 6.47 8.03 26.46
C THR D 67 7.51 8.66 25.54
N LYS D 68 8.12 7.84 24.67
CA LYS D 68 9.22 8.35 23.85
C LYS D 68 8.73 9.29 22.76
N ILE D 69 7.61 8.97 22.12
CA ILE D 69 7.09 9.88 21.10
C ILE D 69 6.59 11.17 21.75
N LEU D 70 6.02 11.07 22.96
CA LEU D 70 5.64 12.28 23.67
C LEU D 70 6.84 13.18 23.91
N GLU D 71 7.98 12.59 24.27
CA GLU D 71 9.19 13.40 24.46
C GLU D 71 9.65 14.03 23.15
N LYS D 72 9.55 13.28 22.05
CA LYS D 72 9.92 13.84 20.75
C LYS D 72 8.98 14.97 20.35
N ILE D 73 7.70 14.82 20.68
CA ILE D 73 6.74 15.88 20.37
C ILE D 73 7.06 17.14 21.17
N ASP D 74 7.50 16.98 22.42
CA ASP D 74 7.88 18.16 23.21
C ASP D 74 9.09 18.86 22.61
N GLU D 75 10.12 18.10 22.23
CA GLU D 75 11.27 18.68 21.55
C GLU D 75 10.85 19.39 20.26
N PHE D 76 10.01 18.75 19.45
CA PHE D 76 9.64 19.34 18.16
C PHE D 76 8.79 20.59 18.34
N LEU D 77 7.84 20.55 19.29
CA LEU D 77 7.04 21.74 19.56
C LEU D 77 7.91 22.89 20.03
N ALA D 78 8.94 22.59 20.84
CA ALA D 78 9.75 23.66 21.42
C ALA D 78 10.70 24.28 20.42
N THR D 79 11.28 23.46 19.54
CA THR D 79 12.36 23.89 18.66
C THR D 79 12.01 23.88 17.19
N GLY D 80 10.96 23.17 16.80
CA GLY D 80 10.65 23.01 15.40
C GLY D 80 11.44 21.92 14.70
N LYS D 81 12.26 21.15 15.42
CA LYS D 81 13.02 20.11 14.79
C LYS D 81 13.27 19.00 15.80
N LEU D 82 13.89 17.91 15.35
CA LEU D 82 14.24 16.79 16.21
C LEU D 82 15.71 16.49 15.99
N ARG D 83 16.52 16.69 17.03
CA ARG D 83 17.96 16.43 16.92
C ARG D 83 18.25 15.03 16.41
N LYS D 84 17.48 14.03 16.87
CA LYS D 84 17.68 12.66 16.38
C LYS D 84 17.59 12.60 14.86
N LEU D 85 16.61 13.30 14.28
CA LEU D 85 16.47 13.28 12.82
C LEU D 85 17.56 14.10 12.15
N GLU D 86 17.93 15.24 12.76
CA GLU D 86 18.99 16.07 12.19
C GLU D 86 20.29 15.29 12.06
N LYS D 87 20.56 14.38 12.99
CA LYS D 87 21.74 13.53 12.89
C LYS D 87 21.56 12.47 11.81
N ILE D 88 20.39 11.82 11.77
CA ILE D 88 20.16 10.80 10.76
C ILE D 88 20.37 11.35 9.36
N ARG D 89 19.93 12.59 9.13
CA ARG D 89 20.10 13.22 7.82
C ARG D 89 21.58 13.42 7.47
N GLN D 90 22.44 13.62 8.47
CA GLN D 90 23.87 13.82 8.23
C GLN D 90 24.63 12.52 8.05
N ASP D 91 24.02 11.40 8.42
CA ASP D 91 24.67 10.11 8.24
C ASP D 91 24.63 9.73 6.76
N ASP D 92 25.82 9.51 6.18
CA ASP D 92 25.89 9.19 4.75
C ASP D 92 25.31 7.83 4.46
N THR D 93 25.60 6.83 5.30
CA THR D 93 25.05 5.50 5.08
C THR D 93 23.52 5.51 5.18
N SER D 94 22.99 6.18 6.20
CA SER D 94 21.54 6.28 6.32
C SER D 94 20.95 7.04 5.15
N SER D 95 21.58 8.15 4.74
CA SER D 95 21.09 8.92 3.59
C SER D 95 21.06 8.05 2.34
N SER D 96 22.15 7.34 2.08
CA SER D 96 22.24 6.54 0.86
C SER D 96 21.21 5.43 0.86
N ILE D 97 21.06 4.74 1.99
CA ILE D 97 20.12 3.64 2.08
C ILE D 97 18.70 4.14 1.90
N ASN D 98 18.37 5.27 2.52
CA ASN D 98 17.04 5.83 2.37
C ASN D 98 16.75 6.23 0.93
N PHE D 99 17.75 6.72 0.20
CA PHE D 99 17.51 7.04 -1.21
C PHE D 99 17.30 5.77 -2.02
N LEU D 100 18.20 4.80 -1.88
CA LEU D 100 18.12 3.60 -2.71
C LEU D 100 16.79 2.87 -2.51
N THR D 101 16.26 2.87 -1.28
CA THR D 101 15.01 2.17 -1.04
C THR D 101 13.81 2.85 -1.69
N ARG D 102 13.97 4.05 -2.25
CA ARG D 102 12.88 4.66 -2.97
C ARG D 102 12.68 4.05 -4.36
N VAL D 103 13.61 3.22 -4.82
CA VAL D 103 13.44 2.47 -6.06
C VAL D 103 12.59 1.23 -5.76
N SER D 104 11.54 1.04 -6.54
CA SER D 104 10.72 -0.16 -6.39
C SER D 104 11.55 -1.40 -6.64
N GLY D 105 11.49 -2.34 -5.69
CA GLY D 105 12.28 -3.55 -5.73
C GLY D 105 13.57 -3.51 -4.94
N ILE D 106 14.05 -2.32 -4.57
CA ILE D 106 15.16 -2.19 -3.64
C ILE D 106 14.59 -1.99 -2.25
N GLY D 107 14.83 -2.97 -1.36
CA GLY D 107 14.44 -2.84 0.02
C GLY D 107 15.63 -2.57 0.92
N PRO D 108 15.41 -2.68 2.23
CA PRO D 108 16.49 -2.41 3.19
C PRO D 108 17.72 -3.28 3.00
N SER D 109 17.53 -4.57 2.72
CA SER D 109 18.69 -5.46 2.59
C SER D 109 19.48 -5.15 1.33
N ALA D 110 18.80 -5.01 0.19
CA ALA D 110 19.51 -4.74 -1.05
C ALA D 110 20.15 -3.35 -1.04
N ALA D 111 19.49 -2.37 -0.41
CA ALA D 111 20.06 -1.03 -0.36
C ALA D 111 21.40 -1.03 0.37
N ARG D 112 21.48 -1.74 1.49
CA ARG D 112 22.73 -1.79 2.25
C ARG D 112 23.80 -2.57 1.49
N LYS D 113 23.40 -3.61 0.76
CA LYS D 113 24.37 -4.34 -0.06
C LYS D 113 24.90 -3.47 -1.19
N PHE D 114 24.03 -2.70 -1.85
CA PHE D 114 24.49 -1.77 -2.89
C PHE D 114 25.47 -0.75 -2.31
N VAL D 115 25.15 -0.15 -1.16
CA VAL D 115 26.06 0.81 -0.54
C VAL D 115 27.42 0.17 -0.27
N ASP D 116 27.43 -1.05 0.28
CA ASP D 116 28.69 -1.79 0.46
C ASP D 116 29.47 -1.87 -0.84
N GLU D 117 28.78 -2.08 -1.95
CA GLU D 117 29.43 -2.25 -3.25
C GLU D 117 29.75 -0.92 -3.91
N GLY D 118 29.50 0.20 -3.24
CA GLY D 118 29.75 1.50 -3.85
C GLY D 118 28.69 1.97 -4.82
N ILE D 119 27.50 1.41 -4.76
CA ILE D 119 26.39 1.83 -5.62
C ILE D 119 25.44 2.62 -4.73
N LYS D 120 25.48 3.96 -4.85
CA LYS D 120 24.83 4.83 -3.90
C LYS D 120 23.98 5.93 -4.51
N THR D 121 24.06 6.16 -5.82
CA THR D 121 23.38 7.28 -6.43
C THR D 121 22.57 6.79 -7.61
N LEU D 122 21.71 7.69 -8.11
CA LEU D 122 20.96 7.40 -9.33
C LEU D 122 21.93 7.16 -10.51
N GLU D 123 22.98 7.97 -10.59
CA GLU D 123 24.03 7.76 -11.59
C GLU D 123 24.67 6.39 -11.42
N ASP D 124 24.93 5.99 -10.17
CA ASP D 124 25.51 4.66 -9.92
C ASP D 124 24.58 3.55 -10.37
N LEU D 125 23.30 3.67 -10.07
CA LEU D 125 22.34 2.66 -10.48
C LEU D 125 22.29 2.53 -11.99
N ARG D 126 22.20 3.66 -12.68
CA ARG D 126 22.08 3.63 -14.15
C ARG D 126 23.33 3.03 -14.79
N LYS D 127 24.48 3.18 -14.12
CA LYS D 127 25.73 2.58 -14.59
C LYS D 127 25.72 1.06 -14.44
N ASN D 128 24.94 0.56 -13.48
CA ASN D 128 25.03 -0.84 -13.06
C ASN D 128 23.72 -1.60 -13.22
N GLU D 129 22.99 -1.34 -14.30
CA GLU D 129 21.73 -2.04 -14.52
C GLU D 129 21.88 -3.55 -14.46
N ASP D 130 23.02 -4.08 -14.87
CA ASP D 130 23.17 -5.53 -14.85
C ASP D 130 23.30 -6.09 -13.43
N LYS D 131 23.48 -5.23 -12.42
CA LYS D 131 23.42 -5.67 -11.03
C LYS D 131 22.01 -5.67 -10.46
N LEU D 132 21.00 -5.28 -11.25
CA LEU D 132 19.63 -5.17 -10.77
C LEU D 132 18.81 -6.37 -11.26
N ASN D 133 17.89 -6.84 -10.41
CA ASN D 133 16.93 -7.83 -10.86
C ASN D 133 15.85 -7.13 -11.70
N HIS D 134 14.94 -7.92 -12.26
CA HIS D 134 13.96 -7.36 -13.19
C HIS D 134 13.13 -6.26 -12.53
N HIS D 135 12.53 -6.56 -11.39
CA HIS D 135 11.76 -5.57 -10.67
C HIS D 135 12.53 -4.27 -10.47
N GLN D 136 13.75 -4.38 -9.92
CA GLN D 136 14.58 -3.20 -9.67
C GLN D 136 14.88 -2.44 -10.94
N ARG D 137 15.12 -3.15 -12.04
CA ARG D 137 15.43 -2.49 -13.30
C ARG D 137 14.28 -1.62 -13.77
N ILE D 138 13.04 -2.13 -13.67
CA ILE D 138 11.86 -1.34 -14.03
C ILE D 138 11.65 -0.21 -13.03
N GLY D 139 11.85 -0.48 -11.73
CA GLY D 139 11.76 0.58 -10.75
C GLY D 139 12.70 1.74 -11.04
N LEU D 140 13.92 1.43 -11.48
CA LEU D 140 14.86 2.49 -11.84
C LEU D 140 14.39 3.24 -13.09
N LYS D 141 13.94 2.51 -14.11
CA LYS D 141 13.45 3.09 -15.35
C LYS D 141 12.42 4.19 -15.08
N TYR D 142 11.54 3.95 -14.12
CA TYR D 142 10.43 4.84 -13.85
C TYR D 142 10.56 5.55 -12.51
N PHE D 143 11.80 5.77 -12.06
CA PHE D 143 12.01 6.29 -10.72
C PHE D 143 11.25 7.60 -10.50
N GLY D 144 11.35 8.52 -11.44
CA GLY D 144 10.67 9.80 -11.27
C GLY D 144 9.16 9.66 -11.38
N ASP D 145 8.70 8.93 -12.40
CA ASP D 145 7.27 8.74 -12.60
C ASP D 145 6.61 8.16 -11.36
N PHE D 146 7.24 7.18 -10.71
CA PHE D 146 6.59 6.48 -9.62
C PHE D 146 6.48 7.32 -8.36
N GLU D 147 7.15 8.45 -8.27
CA GLU D 147 6.92 9.33 -7.14
C GLU D 147 5.87 10.41 -7.43
N LYS D 148 5.27 10.42 -8.62
CA LYS D 148 4.19 11.35 -8.91
C LYS D 148 2.85 10.75 -8.50
N ARG D 149 1.96 11.59 -7.98
CA ARG D 149 0.61 11.13 -7.65
C ARG D 149 -0.27 11.13 -8.90
N ILE D 150 -1.41 10.44 -8.80
CA ILE D 150 -2.35 10.32 -9.91
C ILE D 150 -3.59 11.15 -9.56
N PRO D 151 -3.93 12.19 -10.34
CA PRO D 151 -5.19 12.90 -10.09
C PRO D 151 -6.37 11.96 -10.27
N ARG D 152 -7.40 12.15 -9.43
CA ARG D 152 -8.58 11.30 -9.51
C ARG D 152 -9.17 11.31 -10.93
N GLU D 153 -9.10 12.47 -11.60
CA GLU D 153 -9.56 12.53 -13.00
C GLU D 153 -8.86 11.49 -13.87
N GLU D 154 -7.54 11.33 -13.70
CA GLU D 154 -6.82 10.30 -14.44
C GLU D 154 -7.19 8.90 -13.96
N MET D 155 -7.43 8.73 -12.66
CA MET D 155 -7.87 7.44 -12.16
C MET D 155 -9.18 7.02 -12.81
N LEU D 156 -10.09 7.97 -13.03
CA LEU D 156 -11.36 7.67 -13.69
C LEU D 156 -11.13 7.23 -15.14
N GLN D 157 -10.21 7.89 -15.86
CA GLN D 157 -9.91 7.43 -17.21
C GLN D 157 -9.29 6.04 -17.20
N MET D 158 -8.40 5.78 -16.23
CA MET D 158 -7.80 4.46 -16.13
C MET D 158 -8.85 3.41 -15.80
N GLN D 159 -9.77 3.74 -14.89
CA GLN D 159 -10.86 2.83 -14.54
C GLN D 159 -11.66 2.46 -15.78
N ASP D 160 -12.00 3.45 -16.61
CA ASP D 160 -12.77 3.19 -17.83
CA ASP D 160 -12.79 3.17 -17.81
C ASP D 160 -12.08 2.17 -18.71
N ILE D 161 -10.78 2.34 -18.93
CA ILE D 161 -10.04 1.43 -19.80
C ILE D 161 -10.05 0.02 -19.22
N VAL D 162 -9.64 -0.13 -17.96
CA VAL D 162 -9.55 -1.46 -17.36
C VAL D 162 -10.89 -2.17 -17.39
N LEU D 163 -11.95 -1.46 -16.97
CA LEU D 163 -13.27 -2.10 -16.90
C LEU D 163 -13.77 -2.48 -18.29
N ASN D 164 -13.58 -1.61 -19.27
CA ASN D 164 -14.07 -1.95 -20.60
C ASN D 164 -13.23 -3.05 -21.25
N GLU D 165 -11.90 -3.06 -20.99
CA GLU D 165 -11.07 -4.10 -21.60
C GLU D 165 -11.36 -5.45 -20.94
N VAL D 166 -11.59 -5.44 -19.62
CA VAL D 166 -11.94 -6.66 -18.91
C VAL D 166 -13.23 -7.23 -19.46
N LYS D 167 -14.22 -6.37 -19.71
CA LYS D 167 -15.50 -6.82 -20.25
C LYS D 167 -15.35 -7.45 -21.63
N LYS D 168 -14.42 -6.92 -22.45
CA LYS D 168 -14.21 -7.49 -23.78
C LYS D 168 -13.63 -8.89 -23.71
N VAL D 169 -12.85 -9.20 -22.67
CA VAL D 169 -12.32 -10.55 -22.51
C VAL D 169 -13.43 -11.52 -22.12
N ASP D 170 -14.21 -11.16 -21.10
CA ASP D 170 -15.29 -12.03 -20.62
C ASP D 170 -16.25 -11.17 -19.82
N SER D 171 -17.50 -11.09 -20.27
CA SER D 171 -18.48 -10.24 -19.60
C SER D 171 -18.77 -10.68 -18.17
N GLU D 172 -18.32 -11.87 -17.76
CA GLU D 172 -18.57 -12.33 -16.38
C GLU D 172 -17.50 -11.87 -15.40
N TYR D 173 -16.38 -11.34 -15.86
CA TYR D 173 -15.47 -10.68 -14.95
C TYR D 173 -16.14 -9.48 -14.30
N ILE D 174 -15.74 -9.18 -13.06
CA ILE D 174 -16.03 -7.89 -12.44
C ILE D 174 -14.73 -7.34 -11.90
N ALA D 175 -14.35 -6.14 -12.34
CA ALA D 175 -13.14 -5.46 -11.86
C ALA D 175 -13.56 -4.30 -10.99
N THR D 176 -12.95 -4.19 -9.82
CA THR D 176 -13.27 -3.16 -8.86
C THR D 176 -12.01 -2.41 -8.48
N VAL D 177 -11.99 -1.09 -8.72
CA VAL D 177 -10.84 -0.27 -8.32
C VAL D 177 -10.91 0.01 -6.83
N CYS D 178 -9.88 -0.39 -6.11
CA CYS D 178 -9.87 -0.28 -4.65
C CYS D 178 -8.82 0.74 -4.19
N GLY D 179 -8.06 0.43 -3.14
CA GLY D 179 -7.08 1.45 -2.75
C GLY D 179 -7.70 2.78 -2.32
N SER D 180 -6.85 3.81 -2.35
CA SER D 180 -7.31 5.16 -2.02
C SER D 180 -8.43 5.63 -2.95
N PHE D 181 -8.48 5.10 -4.17
CA PHE D 181 -9.55 5.50 -5.08
C PHE D 181 -10.91 5.18 -4.49
N ARG D 182 -11.08 3.95 -3.99
CA ARG D 182 -12.36 3.55 -3.42
C ARG D 182 -12.66 4.29 -2.12
N ARG D 183 -11.62 4.72 -1.40
CA ARG D 183 -11.78 5.57 -0.24
C ARG D 183 -12.09 7.01 -0.63
N GLY D 184 -12.26 7.29 -1.92
CA GLY D 184 -12.66 8.62 -2.36
C GLY D 184 -11.55 9.65 -2.41
N ALA D 185 -10.29 9.24 -2.39
CA ALA D 185 -9.20 10.22 -2.41
C ALA D 185 -9.21 11.05 -3.70
N GLU D 186 -8.84 12.32 -3.60
CA GLU D 186 -8.73 13.16 -4.78
C GLU D 186 -7.45 12.91 -5.57
N SER D 187 -6.52 12.14 -5.01
CA SER D 187 -5.41 11.64 -5.81
C SER D 187 -4.99 10.30 -5.22
N SER D 188 -4.30 9.49 -6.03
CA SER D 188 -3.86 8.16 -5.65
C SER D 188 -2.39 7.97 -6.00
N GLY D 189 -1.72 7.12 -5.23
CA GLY D 189 -0.33 6.80 -5.54
C GLY D 189 -0.20 5.83 -6.69
N ASP D 190 -1.21 4.99 -6.91
CA ASP D 190 -1.19 3.97 -7.95
C ASP D 190 -2.62 3.50 -8.18
N MET D 191 -2.78 2.45 -8.98
CA MET D 191 -4.10 1.89 -9.23
C MET D 191 -4.15 0.45 -8.72
N ASP D 192 -5.16 0.15 -7.90
CA ASP D 192 -5.36 -1.17 -7.31
C ASP D 192 -6.67 -1.72 -7.86
N VAL D 193 -6.60 -2.90 -8.48
CA VAL D 193 -7.76 -3.50 -9.15
C VAL D 193 -8.04 -4.87 -8.57
N LEU D 194 -9.19 -5.02 -7.92
CA LEU D 194 -9.64 -6.34 -7.49
C LEU D 194 -10.41 -6.96 -8.64
N LEU D 195 -10.15 -8.23 -8.93
CA LEU D 195 -10.79 -8.93 -10.04
C LEU D 195 -11.46 -10.21 -9.53
N THR D 196 -12.70 -10.47 -10.00
CA THR D 196 -13.38 -11.74 -9.75
C THR D 196 -13.90 -12.31 -11.06
N HIS D 197 -14.11 -13.63 -11.08
CA HIS D 197 -14.72 -14.33 -12.19
C HIS D 197 -15.40 -15.54 -11.57
N PRO D 198 -16.62 -15.89 -12.02
CA PRO D 198 -17.32 -17.02 -11.37
C PRO D 198 -16.62 -18.35 -11.52
N SER D 199 -15.67 -18.47 -12.45
CA SER D 199 -14.95 -19.73 -12.59
C SER D 199 -13.93 -19.94 -11.49
N PHE D 200 -13.63 -18.94 -10.68
CA PHE D 200 -12.63 -19.04 -9.62
C PHE D 200 -13.30 -18.72 -8.29
N THR D 201 -13.49 -19.75 -7.47
CA THR D 201 -14.10 -19.64 -6.16
C THR D 201 -13.21 -20.34 -5.14
N SER D 202 -13.57 -20.23 -3.86
CA SER D 202 -12.84 -20.94 -2.83
C SER D 202 -12.96 -22.45 -2.99
N GLU D 203 -13.92 -22.91 -3.79
CA GLU D 203 -14.17 -24.34 -3.93
C GLU D 203 -13.52 -24.94 -5.16
N SER D 204 -13.29 -24.16 -6.22
CA SER D 204 -12.66 -24.75 -7.40
C SER D 204 -12.17 -23.66 -8.33
N THR D 205 -11.24 -24.04 -9.20
CA THR D 205 -10.81 -23.19 -10.30
C THR D 205 -11.20 -23.93 -11.58
N LYS D 206 -12.24 -23.44 -12.25
CA LYS D 206 -12.84 -24.10 -13.40
C LYS D 206 -12.32 -23.58 -14.73
N GLN D 207 -11.38 -22.65 -14.72
CA GLN D 207 -10.89 -22.05 -15.93
C GLN D 207 -9.46 -21.61 -15.63
N PRO D 208 -8.48 -22.02 -16.43
CA PRO D 208 -7.11 -21.57 -16.21
C PRO D 208 -6.89 -20.16 -16.77
N LYS D 209 -5.75 -19.56 -16.39
CA LYS D 209 -5.25 -18.31 -16.96
C LYS D 209 -6.24 -17.14 -16.82
N LEU D 210 -7.03 -17.14 -15.74
CA LEU D 210 -8.04 -16.09 -15.59
C LEU D 210 -7.41 -14.71 -15.44
N LEU D 211 -6.37 -14.61 -14.62
CA LEU D 211 -5.63 -13.35 -14.51
C LEU D 211 -4.84 -13.07 -15.78
N HIS D 212 -4.21 -14.11 -16.34
CA HIS D 212 -3.33 -13.93 -17.49
C HIS D 212 -4.06 -13.30 -18.67
N GLN D 213 -5.28 -13.78 -18.97
CA GLN D 213 -6.04 -13.27 -20.10
C GLN D 213 -6.30 -11.78 -19.96
N VAL D 214 -6.58 -11.31 -18.75
CA VAL D 214 -6.83 -9.89 -18.54
C VAL D 214 -5.56 -9.09 -18.71
N VAL D 215 -4.45 -9.56 -18.13
CA VAL D 215 -3.16 -8.89 -18.28
C VAL D 215 -2.80 -8.79 -19.76
N GLU D 216 -2.95 -9.90 -20.47
CA GLU D 216 -2.65 -9.97 -21.89
C GLU D 216 -3.46 -8.95 -22.69
N GLN D 217 -4.77 -8.88 -22.44
CA GLN D 217 -5.61 -7.90 -23.13
C GLN D 217 -5.15 -6.47 -22.83
N LEU D 218 -4.78 -6.19 -21.58
CA LEU D 218 -4.33 -4.84 -21.23
C LEU D 218 -2.97 -4.51 -21.81
N GLN D 219 -2.13 -5.53 -22.00
CA GLN D 219 -0.89 -5.34 -22.75
C GLN D 219 -1.18 -5.10 -24.23
N LYS D 220 -2.17 -5.81 -24.78
CA LYS D 220 -2.46 -5.71 -26.21
C LYS D 220 -2.86 -4.29 -26.61
N VAL D 221 -3.64 -3.60 -25.77
CA VAL D 221 -4.08 -2.24 -26.05
C VAL D 221 -3.08 -1.22 -25.52
N HIS D 222 -1.91 -1.70 -25.11
CA HIS D 222 -0.79 -0.86 -24.67
C HIS D 222 -1.12 -0.08 -23.39
N PHE D 223 -2.03 -0.61 -22.57
CA PHE D 223 -2.26 0.00 -21.26
C PHE D 223 -1.23 -0.50 -20.27
N ILE D 224 -1.07 -1.81 -20.13
CA ILE D 224 0.02 -2.36 -19.34
C ILE D 224 1.28 -2.33 -20.19
N THR D 225 2.34 -1.72 -19.65
CA THR D 225 3.60 -1.53 -20.35
C THR D 225 4.74 -2.38 -19.81
N ASP D 226 4.70 -2.77 -18.54
CA ASP D 226 5.79 -3.54 -17.95
C ASP D 226 5.21 -4.42 -16.85
N THR D 227 5.97 -5.47 -16.51
CA THR D 227 5.59 -6.41 -15.46
C THR D 227 6.68 -6.43 -14.39
N LEU D 228 6.30 -6.24 -13.13
CA LEU D 228 7.26 -6.40 -12.04
C LEU D 228 7.24 -7.82 -11.49
N SER D 229 6.05 -8.38 -11.34
CA SER D 229 5.90 -9.77 -10.93
C SER D 229 4.50 -10.22 -11.32
N LYS D 230 4.34 -11.53 -11.44
CA LYS D 230 3.07 -12.06 -11.94
C LYS D 230 2.97 -13.52 -11.50
N GLY D 231 1.83 -13.84 -10.88
CA GLY D 231 1.47 -15.22 -10.59
C GLY D 231 0.02 -15.48 -10.95
N GLU D 232 -0.56 -16.55 -10.42
N GLU D 232 -0.55 -16.56 -10.40
CA GLU D 232 -1.93 -16.93 -10.77
CA GLU D 232 -1.92 -16.95 -10.73
C GLU D 232 -2.98 -16.02 -10.16
C GLU D 232 -2.96 -15.99 -10.18
N THR D 233 -2.67 -15.32 -9.05
CA THR D 233 -3.65 -14.43 -8.47
C THR D 233 -3.20 -13.00 -8.28
N LYS D 234 -1.91 -12.68 -8.42
CA LYS D 234 -1.45 -11.30 -8.23
C LYS D 234 -0.56 -10.84 -9.37
N PHE D 235 -0.92 -9.71 -9.99
CA PHE D 235 -0.09 -9.02 -10.96
C PHE D 235 0.40 -7.71 -10.36
N MET D 236 1.67 -7.41 -10.54
CA MET D 236 2.29 -6.16 -10.10
C MET D 236 3.03 -5.59 -11.30
N GLY D 237 2.60 -4.45 -11.80
CA GLY D 237 3.21 -3.93 -13.02
C GLY D 237 3.08 -2.45 -13.22
N VAL D 238 3.13 -2.05 -14.48
CA VAL D 238 3.21 -0.66 -14.90
C VAL D 238 2.17 -0.43 -15.97
N CYS D 239 1.53 0.74 -15.96
CA CYS D 239 0.55 1.08 -16.96
C CYS D 239 0.67 2.56 -17.33
N GLN D 240 -0.04 2.95 -18.39
CA GLN D 240 0.05 4.32 -18.87
C GLN D 240 -1.18 4.65 -19.68
N LEU D 241 -1.78 5.80 -19.41
CA LEU D 241 -2.89 6.27 -20.22
C LEU D 241 -2.40 6.67 -21.61
N PRO D 242 -3.26 6.54 -22.62
CA PRO D 242 -2.91 7.08 -23.95
C PRO D 242 -3.01 8.59 -23.96
N SER D 243 -2.08 9.21 -24.67
CA SER D 243 -2.07 10.65 -24.90
C SER D 243 -2.48 10.92 -26.34
N LYS D 244 -2.97 12.14 -26.59
CA LYS D 244 -3.47 12.49 -27.91
C LYS D 244 -2.35 13.14 -28.74
N ASN D 245 -2.68 13.49 -29.98
CA ASN D 245 -1.67 14.03 -30.89
C ASN D 245 -1.04 15.29 -30.33
N ASP D 246 0.30 15.36 -30.43
CA ASP D 246 1.17 16.44 -29.99
C ASP D 246 1.18 16.61 -28.46
N GLU D 247 0.48 15.77 -27.71
CA GLU D 247 0.47 15.85 -26.25
C GLU D 247 1.74 15.23 -25.64
N LYS D 248 2.23 15.84 -24.56
CA LYS D 248 3.23 15.17 -23.74
C LYS D 248 2.63 13.89 -23.18
N GLU D 249 3.45 12.85 -23.03
CA GLU D 249 2.90 11.59 -22.54
C GLU D 249 2.56 11.71 -21.06
N TYR D 250 1.58 10.92 -20.63
CA TYR D 250 1.31 10.80 -19.21
C TYR D 250 2.45 10.04 -18.54
N PRO D 251 2.62 10.22 -17.24
CA PRO D 251 3.60 9.40 -16.51
C PRO D 251 3.17 7.94 -16.51
N HIS D 252 4.15 7.06 -16.48
CA HIS D 252 3.84 5.65 -16.21
C HIS D 252 3.42 5.51 -14.75
N ARG D 253 2.50 4.57 -14.50
CA ARG D 253 1.87 4.40 -13.19
C ARG D 253 2.02 2.96 -12.72
N ARG D 254 2.13 2.77 -11.41
CA ARG D 254 2.10 1.42 -10.85
C ARG D 254 0.65 0.91 -10.85
N ILE D 255 0.49 -0.38 -11.20
CA ILE D 255 -0.82 -1.04 -11.15
C ILE D 255 -0.65 -2.40 -10.47
N ASP D 256 -1.59 -2.72 -9.59
CA ASP D 256 -1.69 -4.00 -8.91
C ASP D 256 -3.04 -4.58 -9.24
N ILE D 257 -3.08 -5.85 -9.66
CA ILE D 257 -4.32 -6.55 -9.93
C ILE D 257 -4.33 -7.80 -9.06
N ARG D 258 -5.41 -7.99 -8.32
CA ARG D 258 -5.56 -9.12 -7.40
C ARG D 258 -6.85 -9.85 -7.76
N LEU D 259 -6.71 -11.09 -8.20
CA LEU D 259 -7.83 -11.97 -8.49
C LEU D 259 -8.21 -12.69 -7.21
N ILE D 260 -9.46 -12.52 -6.79
CA ILE D 260 -9.95 -12.99 -5.49
C ILE D 260 -11.06 -14.00 -5.77
N PRO D 261 -11.10 -15.12 -5.05
CA PRO D 261 -12.25 -16.04 -5.19
C PRO D 261 -13.56 -15.27 -5.07
N LYS D 262 -14.45 -15.48 -6.04
CA LYS D 262 -15.64 -14.64 -6.16
C LYS D 262 -16.49 -14.69 -4.90
N ASP D 263 -16.61 -15.87 -4.28
CA ASP D 263 -17.40 -15.99 -3.07
C ASP D 263 -16.75 -15.32 -1.85
N GLN D 264 -15.48 -14.91 -1.95
CA GLN D 264 -14.79 -14.24 -0.86
C GLN D 264 -14.53 -12.77 -1.16
N TYR D 265 -15.41 -12.18 -1.97
CA TYR D 265 -15.22 -10.82 -2.45
C TYR D 265 -15.21 -9.80 -1.30
N TYR D 266 -16.06 -9.98 -0.28
CA TYR D 266 -16.15 -8.96 0.75
C TYR D 266 -14.89 -8.89 1.59
N CYS D 267 -14.32 -10.03 1.98
CA CYS D 267 -13.03 -10.00 2.65
C CYS D 267 -11.94 -9.44 1.72
N GLY D 268 -12.02 -9.79 0.44
CA GLY D 268 -11.03 -9.30 -0.52
C GLY D 268 -11.10 -7.80 -0.71
N VAL D 269 -12.31 -7.25 -0.81
CA VAL D 269 -12.45 -5.82 -1.06
C VAL D 269 -12.19 -5.03 0.23
N LEU D 270 -12.48 -5.62 1.39
CA LEU D 270 -12.06 -5.01 2.64
C LEU D 270 -10.54 -4.88 2.69
N TYR D 271 -9.84 -5.98 2.39
CA TYR D 271 -8.38 -5.95 2.38
C TYR D 271 -7.86 -4.91 1.38
N PHE D 272 -8.32 -4.97 0.14
CA PHE D 272 -7.72 -4.16 -0.92
C PHE D 272 -8.15 -2.71 -0.86
N THR D 273 -9.19 -2.38 -0.09
CA THR D 273 -9.54 -0.98 0.09
C THR D 273 -8.64 -0.31 1.12
N GLY D 274 -8.16 -1.05 2.12
CA GLY D 274 -7.26 -0.47 3.09
C GLY D 274 -7.87 0.66 3.91
N SER D 275 -7.09 1.65 4.34
CA SER D 275 -5.64 1.73 4.12
C SER D 275 -4.84 0.61 4.79
N ASP D 276 -3.53 0.62 4.56
CA ASP D 276 -2.69 -0.40 5.17
C ASP D 276 -2.73 -0.30 6.69
N ILE D 277 -2.65 0.92 7.23
CA ILE D 277 -2.72 1.07 8.68
C ILE D 277 -4.09 0.68 9.20
N PHE D 278 -5.16 1.03 8.46
CA PHE D 278 -6.50 0.62 8.87
C PHE D 278 -6.58 -0.89 8.97
N ASN D 279 -6.02 -1.60 7.98
CA ASN D 279 -6.08 -3.06 8.00
C ASN D 279 -5.35 -3.62 9.20
N LYS D 280 -4.15 -3.09 9.49
CA LYS D 280 -3.40 -3.53 10.66
C LYS D 280 -4.19 -3.30 11.94
N ASN D 281 -4.75 -2.09 12.10
CA ASN D 281 -5.55 -1.81 13.29
C ASN D 281 -6.75 -2.75 13.38
N MET D 282 -7.45 -2.98 12.27
CA MET D 282 -8.65 -3.81 12.31
C MET D 282 -8.32 -5.28 12.56
N ARG D 283 -7.29 -5.79 11.88
CA ARG D 283 -6.86 -7.17 12.14
C ARG D 283 -6.35 -7.33 13.58
N ALA D 284 -5.65 -6.33 14.11
CA ALA D 284 -5.22 -6.40 15.50
C ALA D 284 -6.42 -6.44 16.45
N HIS D 285 -7.44 -5.62 16.17
CA HIS D 285 -8.67 -5.67 16.96
C HIS D 285 -9.35 -7.03 16.84
N ALA D 286 -9.42 -7.58 15.64
CA ALA D 286 -9.97 -8.93 15.44
C ALA D 286 -9.29 -9.94 16.37
N LEU D 287 -7.95 -9.91 16.42
CA LEU D 287 -7.24 -10.85 17.28
C LEU D 287 -7.65 -10.69 18.73
N GLU D 288 -7.75 -9.45 19.20
CA GLU D 288 -8.20 -9.24 20.58
C GLU D 288 -9.60 -9.78 20.80
N LYS D 289 -10.43 -9.75 19.77
CA LYS D 289 -11.79 -10.27 19.85
C LYS D 289 -11.88 -11.77 19.60
N GLY D 290 -10.75 -12.42 19.38
CA GLY D 290 -10.74 -13.85 19.13
C GLY D 290 -11.01 -14.26 17.70
N PHE D 291 -10.62 -13.43 16.72
CA PHE D 291 -10.78 -13.76 15.32
C PHE D 291 -9.51 -13.45 14.56
N THR D 292 -9.38 -14.02 13.38
CA THR D 292 -8.30 -13.62 12.47
C THR D 292 -8.90 -13.35 11.11
N ILE D 293 -8.50 -12.22 10.51
CA ILE D 293 -9.02 -11.78 9.21
C ILE D 293 -7.88 -11.77 8.21
N ASN D 294 -8.08 -12.39 7.07
CA ASN D 294 -7.22 -12.17 5.92
C ASN D 294 -8.08 -11.71 4.73
N GLU D 295 -7.49 -11.72 3.51
CA GLU D 295 -8.25 -11.22 2.37
C GLU D 295 -9.30 -12.21 1.87
N TYR D 296 -9.36 -13.40 2.47
CA TYR D 296 -10.28 -14.45 2.06
C TYR D 296 -11.40 -14.69 3.07
N THR D 297 -11.09 -14.68 4.36
CA THR D 297 -12.04 -15.15 5.36
C THR D 297 -11.85 -14.39 6.66
N ILE D 298 -12.86 -14.48 7.52
CA ILE D 298 -12.68 -14.25 8.95
C ILE D 298 -12.98 -15.56 9.65
N ARG D 299 -12.08 -15.98 10.51
CA ARG D 299 -12.17 -17.25 11.21
C ARG D 299 -12.04 -17.02 12.70
N PRO D 300 -12.75 -17.79 13.52
CA PRO D 300 -12.51 -17.73 14.96
C PRO D 300 -11.16 -18.34 15.32
N LEU D 301 -10.66 -17.93 16.48
CA LEU D 301 -9.51 -18.58 17.09
C LEU D 301 -9.97 -19.47 18.24
N GLY D 302 -9.45 -20.71 18.28
CA GLY D 302 -9.64 -21.57 19.42
C GLY D 302 -8.77 -21.13 20.59
N VAL D 303 -8.96 -21.82 21.73
CA VAL D 303 -8.16 -21.52 22.92
C VAL D 303 -6.68 -21.74 22.63
N THR D 304 -6.37 -22.70 21.77
CA THR D 304 -5.00 -22.99 21.36
C THR D 304 -4.44 -21.95 20.40
N GLY D 305 -5.20 -20.90 20.06
CA GLY D 305 -4.74 -19.97 19.06
C GLY D 305 -4.73 -20.51 17.64
N VAL D 306 -5.39 -21.66 17.41
CA VAL D 306 -5.52 -22.22 16.07
C VAL D 306 -6.79 -21.68 15.44
N ALA D 307 -6.67 -21.18 14.20
CA ALA D 307 -7.83 -20.66 13.49
C ALA D 307 -8.80 -21.77 13.14
N GLY D 308 -10.09 -21.50 13.38
CA GLY D 308 -11.16 -22.42 13.05
C GLY D 308 -11.68 -22.21 11.65
N GLU D 309 -12.93 -22.62 11.43
CA GLU D 309 -13.51 -22.59 10.09
C GLU D 309 -14.02 -21.19 9.74
N PRO D 310 -13.99 -20.83 8.45
CA PRO D 310 -14.47 -19.50 8.05
C PRO D 310 -15.93 -19.28 8.40
N LEU D 311 -16.22 -18.11 8.83
CA LEU D 311 -17.55 -17.66 9.23
C LEU D 311 -18.29 -17.09 8.02
N PRO D 312 -19.63 -17.19 8.01
CA PRO D 312 -20.40 -16.64 6.88
C PRO D 312 -20.24 -15.13 6.80
N VAL D 313 -19.97 -14.64 5.60
CA VAL D 313 -19.79 -13.21 5.35
C VAL D 313 -20.63 -12.84 4.14
N ASP D 314 -21.55 -11.90 4.32
CA ASP D 314 -22.38 -11.47 3.21
C ASP D 314 -22.30 -9.99 2.93
N SER D 315 -21.36 -9.29 3.55
CA SER D 315 -21.14 -7.88 3.28
C SER D 315 -19.88 -7.50 4.02
N GLU D 316 -19.30 -6.36 3.65
CA GLU D 316 -18.20 -5.84 4.44
C GLU D 316 -18.63 -5.62 5.89
N LYS D 317 -19.85 -5.11 6.08
CA LYS D 317 -20.33 -4.82 7.44
C LYS D 317 -20.38 -6.07 8.31
N ASP D 318 -20.69 -7.23 7.72
CA ASP D 318 -20.67 -8.48 8.50
C ASP D 318 -19.33 -8.67 9.18
N ILE D 319 -18.25 -8.28 8.51
CA ILE D 319 -16.92 -8.47 9.09
C ILE D 319 -16.74 -7.55 10.30
N PHE D 320 -17.15 -6.28 10.17
CA PHE D 320 -17.11 -5.35 11.29
C PHE D 320 -17.96 -5.85 12.46
N ASP D 321 -19.13 -6.41 12.17
CA ASP D 321 -20.03 -6.90 13.23
C ASP D 321 -19.37 -8.00 14.06
N TYR D 322 -18.69 -8.95 13.41
CA TYR D 322 -18.06 -10.04 14.14
C TYR D 322 -17.10 -9.52 15.21
N ILE D 323 -16.40 -8.43 14.91
CA ILE D 323 -15.38 -7.90 15.82
C ILE D 323 -15.92 -6.74 16.63
N GLN D 324 -17.23 -6.50 16.60
CA GLN D 324 -17.91 -5.53 17.45
C GLN D 324 -17.45 -4.09 17.15
N TRP D 325 -17.16 -3.83 15.88
CA TRP D 325 -16.91 -2.50 15.38
C TRP D 325 -18.14 -1.99 14.64
N LYS D 326 -18.51 -0.73 14.88
CA LYS D 326 -19.48 -0.08 14.02
C LYS D 326 -18.90 0.04 12.62
N TYR D 327 -19.77 0.02 11.62
CA TYR D 327 -19.32 0.03 10.24
C TYR D 327 -18.65 1.35 9.89
N ARG D 328 -17.58 1.28 9.11
CA ARG D 328 -16.91 2.46 8.60
C ARG D 328 -16.93 2.40 7.08
N GLU D 329 -17.51 3.41 6.45
CA GLU D 329 -17.48 3.50 5.00
C GLU D 329 -16.03 3.61 4.54
N PRO D 330 -15.76 3.27 3.28
CA PRO D 330 -14.38 3.36 2.77
C PRO D 330 -13.74 4.72 2.98
N LYS D 331 -14.48 5.82 2.78
CA LYS D 331 -13.91 7.16 2.95
C LYS D 331 -13.45 7.42 4.38
N ASP D 332 -13.93 6.64 5.35
CA ASP D 332 -13.47 6.81 6.73
C ASP D 332 -12.44 5.77 7.13
N ARG D 333 -11.77 5.14 6.15
CA ARG D 333 -10.73 4.17 6.43
C ARG D 333 -9.34 4.65 6.05
N SER D 334 -9.20 5.96 5.79
CA SER D 334 -7.93 6.51 5.32
C SER D 334 -7.03 6.80 6.51
N GLU D 335 -6.61 5.74 7.17
CA GLU D 335 -5.73 5.88 8.33
C GLU D 335 -4.27 5.85 7.86
#